data_6VTX
#
_entry.id   6VTX
#
_cell.length_a   38.964
_cell.length_b   46.688
_cell.length_c   45.200
_cell.angle_alpha   90.000
_cell.angle_beta   113.502
_cell.angle_gamma   90.000
#
_symmetry.space_group_name_H-M   'P 1 21 1'
#
loop_
_entity.id
_entity.type
_entity.pdbx_description
1 polymer 'Krueppel-like factor 4'
2 polymer "DNA (5'-D(*AP*GP*GP*GP*GP*GP*TP*GP*TP*GP*CP*C)-3')"
3 polymer "DNA (5'-D(*GP*GP*CP*AP*CP*AP*CP*CP*CP*CP*CP*T)-3')"
4 non-polymer 'ZINC ION'
5 non-polymer 'SODIUM ION'
6 water water
#
loop_
_entity_poly.entity_id
_entity_poly.type
_entity_poly.pdbx_seq_one_letter_code
_entity_poly.pdbx_strand_id
1 'polypeptide(L)'
;HTCDYAGCGKTYTKSSHLKAHLRTHTGEKPYHCDWDGCGWKFARSDELTRHYRKHTGHRPFQCQKCDRAFSRSDHLALHM
KRHF
;
A
2 'polydeoxyribonucleotide' (DA)(DG)(DG)(DG)(DG)(DG)(DT)(DG)(DT)(DG)(DC)(DC) B
3 'polydeoxyribonucleotide' (DG)(DG)(DC)(DA)(DC)(DA)(DC)(DC)(DC)(DC)(DC)(DT) C
#
# COMPACT_ATOMS: atom_id res chain seq x y z
N HIS A 1 -11.41 17.55 -11.92
CA HIS A 1 -10.24 17.56 -11.03
C HIS A 1 -8.97 17.23 -11.83
N THR A 2 -8.23 18.28 -12.17
CA THR A 2 -7.01 18.14 -12.96
C THR A 2 -5.79 18.42 -12.09
N CYS A 3 -4.67 17.78 -12.44
CA CYS A 3 -3.41 17.99 -11.74
C CYS A 3 -2.64 19.09 -12.45
N ASP A 4 -2.37 20.17 -11.71
CA ASP A 4 -1.69 21.35 -12.26
C ASP A 4 -0.20 21.36 -11.93
N TYR A 5 0.42 20.19 -11.79
CA TYR A 5 1.85 20.09 -11.52
C TYR A 5 2.60 19.95 -12.83
N ALA A 6 3.33 21.01 -13.21
CA ALA A 6 4.14 21.03 -14.42
C ALA A 6 3.30 20.66 -15.65
N GLY A 7 3.86 19.83 -16.53
CA GLY A 7 3.16 19.40 -17.72
C GLY A 7 2.49 18.05 -17.54
N CYS A 8 1.56 17.96 -16.60
CA CYS A 8 0.87 16.71 -16.32
C CYS A 8 -0.53 16.71 -16.93
N GLY A 9 -1.49 17.32 -16.24
CA GLY A 9 -2.85 17.37 -16.74
C GLY A 9 -3.67 16.13 -16.50
N LYS A 10 -3.25 15.27 -15.58
CA LYS A 10 -4.00 14.06 -15.29
C LYS A 10 -5.32 14.39 -14.60
N THR A 11 -6.37 13.69 -14.98
CA THR A 11 -7.72 13.94 -14.48
C THR A 11 -8.16 12.83 -13.54
N TYR A 12 -8.94 13.20 -12.53
CA TYR A 12 -9.52 12.26 -11.58
C TYR A 12 -10.97 12.63 -11.33
N THR A 13 -11.75 11.64 -10.90
CA THR A 13 -13.15 11.86 -10.59
C THR A 13 -13.42 12.13 -9.11
N LYS A 14 -12.51 11.72 -8.23
CA LYS A 14 -12.64 11.94 -6.79
C LYS A 14 -11.49 12.80 -6.29
N SER A 15 -11.78 13.63 -5.29
CA SER A 15 -10.76 14.51 -4.73
C SER A 15 -9.65 13.72 -4.07
N SER A 16 -10.00 12.65 -3.35
CA SER A 16 -9.01 11.89 -2.59
C SER A 16 -7.98 11.24 -3.49
N HIS A 17 -8.37 10.83 -4.69
CA HIS A 17 -7.41 10.19 -5.59
C HIS A 17 -6.45 11.21 -6.19
N LEU A 18 -6.90 12.43 -6.46
CA LEU A 18 -6.00 13.46 -6.97
C LEU A 18 -5.04 13.90 -5.87
N LYS A 19 -5.55 14.07 -4.65
CA LYS A 19 -4.68 14.46 -3.54
C LYS A 19 -3.58 13.42 -3.30
N ALA A 20 -3.92 12.14 -3.39
CA ALA A 20 -2.91 11.09 -3.29
C ALA A 20 -2.00 11.09 -4.51
N HIS A 21 -2.52 11.48 -5.68
CA HIS A 21 -1.69 11.54 -6.87
C HIS A 21 -0.68 12.68 -6.79
N LEU A 22 -1.08 13.81 -6.20
CA LEU A 22 -0.16 14.93 -6.06
C LEU A 22 1.02 14.59 -5.16
N ARG A 23 0.89 13.58 -4.31
CA ARG A 23 2.00 13.17 -3.46
C ARG A 23 3.13 12.53 -4.26
N THR A 24 2.83 11.99 -5.45
CA THR A 24 3.89 11.45 -6.30
C THR A 24 4.75 12.56 -6.89
N HIS A 25 4.26 13.80 -6.90
CA HIS A 25 5.02 14.95 -7.37
C HIS A 25 5.73 15.69 -6.25
N THR A 26 5.04 15.92 -5.13
CA THR A 26 5.63 16.64 -4.01
C THR A 26 6.50 15.75 -3.14
N GLY A 27 6.33 14.43 -3.22
CA GLY A 27 7.12 13.51 -2.43
C GLY A 27 6.72 13.41 -0.97
N GLU A 28 5.58 13.97 -0.58
CA GLU A 28 5.15 13.94 0.81
C GLU A 28 4.69 12.54 1.19
N LYS A 29 5.19 12.06 2.33
CA LYS A 29 4.82 10.75 2.88
C LYS A 29 4.21 10.98 4.26
N PRO A 30 2.90 11.24 4.33
CA PRO A 30 2.30 11.65 5.61
C PRO A 30 2.04 10.52 6.58
N TYR A 31 2.03 9.26 6.12
CA TYR A 31 1.67 8.13 6.96
C TYR A 31 2.95 7.46 7.47
N HIS A 32 3.29 7.75 8.72
CA HIS A 32 4.48 7.20 9.37
C HIS A 32 4.11 5.96 10.17
N CYS A 33 5.05 5.02 10.21
CA CYS A 33 4.89 3.82 11.04
C CYS A 33 5.41 4.11 12.44
N ASP A 34 4.57 3.86 13.43
CA ASP A 34 4.88 4.17 14.82
C ASP A 34 5.53 3.01 15.56
N TRP A 35 5.92 1.95 14.85
CA TRP A 35 6.62 0.84 15.48
C TRP A 35 7.99 1.29 15.98
N ASP A 36 8.40 0.75 17.12
CA ASP A 36 9.64 1.16 17.75
C ASP A 36 10.84 0.75 16.89
N GLY A 37 11.59 1.73 16.40
CA GLY A 37 12.79 1.47 15.65
C GLY A 37 12.60 1.24 14.16
N CYS A 38 11.42 1.47 13.62
CA CYS A 38 11.18 1.23 12.20
C CYS A 38 11.62 2.43 11.37
N GLY A 39 10.77 3.44 11.27
CA GLY A 39 11.11 4.65 10.55
C GLY A 39 10.55 4.77 9.15
N TRP A 40 9.75 3.80 8.71
CA TRP A 40 9.17 3.84 7.37
C TRP A 40 8.04 4.86 7.30
N LYS A 41 7.92 5.51 6.15
CA LYS A 41 6.86 6.46 5.88
C LYS A 41 6.32 6.21 4.48
N PHE A 42 5.02 6.44 4.31
CA PHE A 42 4.34 6.11 3.06
C PHE A 42 3.46 7.28 2.62
N ALA A 43 3.21 7.32 1.31
CA ALA A 43 2.36 8.35 0.73
C ALA A 43 0.88 8.00 0.75
N ARG A 44 0.54 6.71 0.84
CA ARG A 44 -0.84 6.26 0.87
C ARG A 44 -1.09 5.51 2.17
N SER A 45 -2.30 5.69 2.73
CA SER A 45 -2.63 5.05 4.00
C SER A 45 -2.69 3.54 3.86
N ASP A 46 -3.11 3.03 2.71
CA ASP A 46 -3.18 1.59 2.51
C ASP A 46 -1.80 0.95 2.48
N GLU A 47 -0.77 1.71 2.11
CA GLU A 47 0.59 1.19 2.19
C GLU A 47 1.00 0.97 3.64
N LEU A 48 0.64 1.88 4.53
CA LEU A 48 0.97 1.72 5.94
C LEU A 48 0.19 0.57 6.56
N THR A 49 -1.10 0.44 6.23
CA THR A 49 -1.89 -0.68 6.74
C THR A 49 -1.30 -2.01 6.29
N ARG A 50 -0.91 -2.11 5.02
CA ARG A 50 -0.25 -3.32 4.54
C ARG A 50 1.09 -3.53 5.24
N HIS A 51 1.83 -2.46 5.48
CA HIS A 51 3.14 -2.58 6.11
C HIS A 51 3.03 -2.99 7.58
N TYR A 52 1.94 -2.60 8.25
CA TYR A 52 1.78 -2.95 9.66
C TYR A 52 1.66 -4.45 9.87
N ARG A 53 1.16 -5.18 8.86
CA ARG A 53 1.00 -6.62 9.01
C ARG A 53 2.35 -7.32 9.16
N LYS A 54 3.43 -6.73 8.65
CA LYS A 54 4.75 -7.29 8.87
C LYS A 54 5.17 -7.18 10.32
N HIS A 55 4.68 -6.15 11.03
CA HIS A 55 5.00 -6.00 12.45
C HIS A 55 4.09 -6.85 13.32
N THR A 56 2.79 -6.89 12.99
CA THR A 56 1.83 -7.63 13.80
C THR A 56 1.81 -9.12 13.48
N GLY A 57 2.28 -9.52 12.31
CA GLY A 57 2.23 -10.91 11.92
C GLY A 57 0.88 -11.40 11.46
N HIS A 58 -0.02 -10.50 11.10
CA HIS A 58 -1.35 -10.90 10.67
C HIS A 58 -1.27 -11.51 9.27
N ARG A 59 -1.74 -12.75 9.14
CA ARG A 59 -1.74 -13.48 7.87
C ARG A 59 -3.16 -13.96 7.59
N PRO A 60 -4.02 -13.08 7.06
CA PRO A 60 -5.42 -13.47 6.85
C PRO A 60 -5.63 -14.42 5.68
N PHE A 61 -4.74 -14.41 4.69
CA PHE A 61 -4.90 -15.22 3.48
C PHE A 61 -4.24 -16.58 3.70
N GLN A 62 -5.07 -17.61 3.85
CA GLN A 62 -4.60 -18.96 4.11
C GLN A 62 -4.79 -19.83 2.87
N CYS A 63 -3.78 -20.64 2.57
CA CYS A 63 -3.83 -21.55 1.44
C CYS A 63 -4.65 -22.77 1.82
N GLN A 64 -5.54 -23.20 0.92
CA GLN A 64 -6.37 -24.37 1.15
C GLN A 64 -5.72 -25.66 0.68
N LYS A 65 -4.63 -25.59 -0.09
CA LYS A 65 -3.94 -26.80 -0.51
C LYS A 65 -2.95 -27.28 0.53
N CYS A 66 -2.39 -26.38 1.34
CA CYS A 66 -1.50 -26.74 2.42
C CYS A 66 -1.84 -25.97 3.69
N ASP A 67 -0.83 -25.63 4.49
CA ASP A 67 -1.05 -24.90 5.74
C ASP A 67 -0.41 -23.53 5.75
N ARG A 68 0.20 -23.09 4.66
CA ARG A 68 0.87 -21.80 4.64
C ARG A 68 -0.14 -20.66 4.64
N ALA A 69 0.20 -19.60 5.36
CA ALA A 69 -0.62 -18.40 5.41
C ALA A 69 0.22 -17.20 5.01
N PHE A 70 -0.43 -16.21 4.40
CA PHE A 70 0.25 -15.03 3.88
C PHE A 70 -0.49 -13.78 4.31
N SER A 71 0.25 -12.67 4.37
CA SER A 71 -0.30 -11.38 4.77
C SER A 71 -0.87 -10.59 3.61
N ARG A 72 -0.64 -11.03 2.37
CA ARG A 72 -1.11 -10.32 1.19
C ARG A 72 -1.73 -11.31 0.21
N SER A 73 -2.77 -10.85 -0.50
CA SER A 73 -3.50 -11.73 -1.39
C SER A 73 -2.67 -12.10 -2.62
N ASP A 74 -1.87 -11.15 -3.13
CA ASP A 74 -1.05 -11.45 -4.30
C ASP A 74 0.04 -12.46 -3.97
N HIS A 75 0.53 -12.48 -2.73
CA HIS A 75 1.49 -13.50 -2.34
C HIS A 75 0.83 -14.87 -2.27
N LEU A 76 -0.43 -14.92 -1.84
CA LEU A 76 -1.15 -16.19 -1.83
C LEU A 76 -1.46 -16.66 -3.23
N ALA A 77 -1.82 -15.73 -4.12
CA ALA A 77 -2.13 -16.10 -5.50
C ALA A 77 -0.91 -16.66 -6.22
N LEU A 78 0.25 -16.03 -6.03
CA LEU A 78 1.47 -16.55 -6.63
C LEU A 78 1.86 -17.88 -6.00
N HIS A 79 1.57 -18.08 -4.72
CA HIS A 79 1.86 -19.35 -4.07
C HIS A 79 0.98 -20.46 -4.64
N MET A 80 -0.27 -20.14 -4.97
CA MET A 80 -1.15 -21.13 -5.58
C MET A 80 -0.71 -21.48 -7.00
N LYS A 81 -0.17 -20.51 -7.74
CA LYS A 81 0.21 -20.76 -9.13
C LYS A 81 1.42 -21.69 -9.20
N ARG A 82 2.49 -21.37 -8.46
CA ARG A 82 3.70 -22.19 -8.44
C ARG A 82 3.63 -23.29 -7.38
N HIS A 83 2.44 -23.77 -7.06
CA HIS A 83 2.28 -24.82 -6.05
C HIS A 83 2.85 -26.14 -6.52
#